data_2E3S
#
_entry.id   2E3S
#
_cell.length_a   41.243
_cell.length_b   75.646
_cell.length_c   42.327
_cell.angle_alpha   90.00
_cell.angle_beta   108.44
_cell.angle_gamma   90.00
#
_symmetry.space_group_name_H-M   'P 1 21 1'
#
loop_
_entity.id
_entity.type
_entity.pdbx_description
1 polymer 'Lipid-transfer protein CERT'
2 water water
#
_entity_poly.entity_id   1
_entity_poly.type   'polypeptide(L)'
_entity_poly.pdbx_seq_one_letter_code
;SNSLHWPTSLPSGDAFSSVGTHRFVQKVEEMVQNHMTYSLQDVGGDANWQLVVEEGEMKVYRREVEENGIVLDPLKATHA
VKGVTGHEVCNYFWNVDVRNDWETTIENFHVVETLADNAIIIYQTHKRVWPASQRDVLYLSVIRKIPALTENDPETWIVC
NFSVDHDSAPLNNRCVRAKINVAMICQTLVSPPEGNQEISRDNILCKITYVANVNPGGWAPASVLRAVAKREYPKFLKRF
TSYVQEKTAGKPILF
;
_entity_poly.pdbx_strand_id   A
#
# COMPACT_ATOMS: atom_id res chain seq x y z
N HIS A 22 -11.66 2.10 -19.27
CA HIS A 22 -10.35 1.55 -19.75
C HIS A 22 -10.32 0.01 -19.70
N ARG A 23 -9.29 -0.57 -20.28
CA ARG A 23 -9.18 -2.04 -20.45
C ARG A 23 -8.99 -2.85 -19.14
N PHE A 24 -8.58 -2.20 -18.05
CA PHE A 24 -8.32 -2.89 -16.79
C PHE A 24 -9.43 -2.77 -15.75
N VAL A 25 -10.56 -2.21 -16.16
CA VAL A 25 -11.65 -1.91 -15.23
C VAL A 25 -12.15 -3.16 -14.47
N GLN A 26 -12.28 -4.29 -15.16
CA GLN A 26 -12.75 -5.54 -14.54
C GLN A 26 -11.70 -6.09 -13.56
N LYS A 27 -10.44 -6.03 -13.96
CA LYS A 27 -9.32 -6.45 -13.13
C LYS A 27 -9.21 -5.57 -11.86
N VAL A 28 -9.38 -4.26 -12.03
CA VAL A 28 -9.37 -3.32 -10.90
C VAL A 28 -10.52 -3.65 -9.94
N GLU A 29 -11.71 -3.86 -10.48
CA GLU A 29 -12.87 -4.15 -9.66
C GLU A 29 -12.71 -5.42 -8.83
N GLU A 30 -12.07 -6.44 -9.43
CA GLU A 30 -11.85 -7.72 -8.77
C GLU A 30 -10.80 -7.62 -7.67
N MET A 31 -9.71 -6.90 -7.94
CA MET A 31 -8.65 -6.69 -6.95
C MET A 31 -9.18 -5.87 -5.77
N VAL A 32 -9.96 -4.83 -6.06
CA VAL A 32 -10.56 -3.99 -5.03
C VAL A 32 -11.54 -4.81 -4.19
N GLN A 33 -12.35 -5.62 -4.86
CA GLN A 33 -13.33 -6.49 -4.21
C GLN A 33 -12.66 -7.56 -3.34
N ASN A 34 -11.60 -8.15 -3.86
CA ASN A 34 -10.76 -9.09 -3.12
C ASN A 34 -10.22 -8.48 -1.82
N HIS A 35 -9.74 -7.24 -1.89
CA HIS A 35 -9.23 -6.56 -0.69
C HIS A 35 -10.32 -6.25 0.33
N MET A 36 -11.47 -5.80 -0.14
CA MET A 36 -12.59 -5.47 0.76
C MET A 36 -13.15 -6.72 1.47
N THR A 37 -13.17 -7.85 0.76
CA THR A 37 -13.65 -9.12 1.34
C THR A 37 -12.61 -9.85 2.19
N TYR A 38 -11.33 -9.79 1.81
CA TYR A 38 -10.27 -10.56 2.50
C TYR A 38 -9.30 -9.75 3.37
N SER A 39 -8.94 -8.55 2.94
CA SER A 39 -7.87 -7.80 3.59
C SER A 39 -8.27 -7.07 4.88
N LEU A 40 -9.57 -6.94 5.12
CA LEU A 40 -10.05 -6.24 6.31
C LEU A 40 -10.36 -7.17 7.50
N GLN A 41 -10.28 -8.49 7.28
CA GLN A 41 -10.49 -9.47 8.35
C GLN A 41 -9.47 -9.28 9.47
N ASP A 42 -9.90 -9.45 10.72
CA ASP A 42 -9.00 -9.31 11.86
C ASP A 42 -7.95 -10.42 11.88
N VAL A 43 -6.68 -10.04 11.85
CA VAL A 43 -5.58 -11.02 11.92
C VAL A 43 -5.01 -11.13 13.33
N GLY A 44 -5.42 -10.22 14.21
CA GLY A 44 -4.95 -10.17 15.59
C GLY A 44 -5.29 -11.43 16.37
N GLY A 45 -6.45 -12.01 16.05
CA GLY A 45 -6.88 -13.27 16.64
C GLY A 45 -6.49 -14.48 15.81
N ASP A 46 -6.07 -14.24 14.57
CA ASP A 46 -5.72 -15.31 13.63
C ASP A 46 -4.33 -15.87 13.93
N ALA A 47 -4.30 -17.16 14.27
CA ALA A 47 -3.09 -17.83 14.72
C ALA A 47 -2.09 -18.14 13.60
N ASN A 48 -2.52 -18.03 12.35
CA ASN A 48 -1.60 -18.20 11.23
C ASN A 48 -0.71 -16.98 10.98
N TRP A 49 -1.10 -15.84 11.55
CA TRP A 49 -0.33 -14.61 11.45
C TRP A 49 0.46 -14.35 12.73
N GLN A 50 1.63 -13.73 12.58
CA GLN A 50 2.47 -13.34 13.72
C GLN A 50 2.61 -11.83 13.77
N LEU A 51 2.33 -11.24 14.94
CA LEU A 51 2.62 -9.81 15.16
C LEU A 51 4.13 -9.65 15.28
N VAL A 52 4.75 -9.05 14.27
CA VAL A 52 6.21 -8.97 14.22
C VAL A 52 6.78 -7.62 14.68
N VAL A 53 6.06 -6.54 14.44
CA VAL A 53 6.49 -5.20 14.88
C VAL A 53 5.30 -4.46 15.48
N GLU A 54 5.54 -3.77 16.59
CA GLU A 54 4.59 -2.83 17.15
C GLU A 54 5.31 -1.55 17.57
N GLU A 55 4.78 -0.42 17.13
CA GLU A 55 5.24 0.89 17.58
C GLU A 55 4.08 1.87 17.56
N GLY A 56 3.78 2.44 18.72
CA GLY A 56 2.65 3.32 18.89
C GLY A 56 1.35 2.62 18.58
N GLU A 57 0.61 3.18 17.62
CA GLU A 57 -0.69 2.63 17.20
C GLU A 57 -0.54 1.68 16.02
N MET A 58 0.70 1.50 15.56
CA MET A 58 1.00 0.64 14.42
C MET A 58 1.33 -0.79 14.86
N LYS A 59 0.67 -1.76 14.22
CA LYS A 59 0.97 -3.17 14.43
C LYS A 59 1.20 -3.82 13.07
N VAL A 60 2.34 -4.50 12.90
CA VAL A 60 2.69 -5.15 11.64
C VAL A 60 2.71 -6.67 11.82
N TYR A 61 1.92 -7.36 11.01
CA TYR A 61 1.78 -8.80 11.07
C TYR A 61 2.30 -9.44 9.78
N ARG A 62 2.80 -10.67 9.88
CA ARG A 62 3.05 -11.46 8.70
C ARG A 62 2.69 -12.93 8.85
N ARG A 63 2.48 -13.58 7.71
CA ARG A 63 2.24 -14.99 7.61
C ARG A 63 3.41 -15.55 6.82
N GLU A 64 4.18 -16.46 7.42
CA GLU A 64 5.32 -17.03 6.71
C GLU A 64 4.85 -18.05 5.67
N VAL A 65 5.11 -17.74 4.41
CA VAL A 65 4.66 -18.55 3.28
C VAL A 65 5.81 -18.66 2.29
N GLU A 66 6.07 -19.90 1.86
CA GLU A 66 7.00 -20.19 0.78
C GLU A 66 6.30 -21.05 -0.26
N GLU A 67 6.48 -20.70 -1.53
CA GLU A 67 5.95 -21.50 -2.64
C GLU A 67 7.08 -21.77 -3.62
N ASN A 68 7.37 -23.06 -3.81
CA ASN A 68 8.50 -23.55 -4.63
C ASN A 68 9.85 -22.97 -4.18
N GLY A 69 10.04 -22.92 -2.87
CA GLY A 69 11.28 -22.42 -2.28
C GLY A 69 11.46 -20.91 -2.23
N ILE A 70 10.40 -20.16 -2.56
CA ILE A 70 10.45 -18.69 -2.61
C ILE A 70 9.58 -18.07 -1.51
N VAL A 71 10.17 -17.11 -0.78
CA VAL A 71 9.51 -16.42 0.33
C VAL A 71 8.46 -15.43 -0.21
N LEU A 72 7.20 -15.68 0.15
CA LEU A 72 6.06 -14.88 -0.33
C LEU A 72 5.30 -14.19 0.79
N ASP A 73 5.73 -14.43 2.03
CA ASP A 73 5.18 -13.83 3.25
C ASP A 73 4.19 -12.66 3.04
N PRO A 74 2.88 -12.94 3.01
CA PRO A 74 1.91 -11.83 3.10
C PRO A 74 2.19 -10.98 4.33
N LEU A 75 2.07 -9.65 4.17
CA LEU A 75 2.25 -8.70 5.26
C LEU A 75 0.97 -7.89 5.43
N LYS A 76 0.59 -7.63 6.68
CA LYS A 76 -0.56 -6.79 6.97
C LYS A 76 -0.21 -5.91 8.15
N ALA A 77 -0.49 -4.61 8.01
CA ALA A 77 -0.29 -3.66 9.08
C ALA A 77 -1.59 -2.93 9.35
N THR A 78 -1.84 -2.64 10.63
CA THR A 78 -2.93 -1.78 11.00
C THR A 78 -2.34 -0.56 11.70
N HIS A 79 -3.04 0.55 11.63
CA HIS A 79 -2.58 1.80 12.21
C HIS A 79 -3.77 2.70 12.44
N ALA A 80 -3.61 3.64 13.36
CA ALA A 80 -4.64 4.63 13.67
C ALA A 80 -3.93 5.98 13.77
N VAL A 81 -4.33 6.93 12.93
CA VAL A 81 -3.62 8.19 12.76
C VAL A 81 -4.57 9.36 13.05
N LYS A 82 -4.30 10.08 14.12
CA LYS A 82 -5.17 11.19 14.54
C LYS A 82 -5.05 12.37 13.59
N GLY A 83 -6.14 13.11 13.40
CA GLY A 83 -6.09 14.38 12.66
C GLY A 83 -5.97 14.33 11.14
N VAL A 84 -6.16 13.15 10.55
CA VAL A 84 -6.22 13.02 9.08
C VAL A 84 -7.44 12.17 8.67
N THR A 85 -7.88 12.30 7.42
CA THR A 85 -8.95 11.47 6.89
C THR A 85 -8.38 10.38 5.98
N GLY A 86 -9.20 9.35 5.71
CA GLY A 86 -8.86 8.30 4.73
C GLY A 86 -8.64 8.85 3.33
N HIS A 87 -9.50 9.81 2.93
CA HIS A 87 -9.33 10.49 1.64
C HIS A 87 -7.96 11.15 1.52
N GLU A 88 -7.55 11.88 2.56
CA GLU A 88 -6.26 12.55 2.59
C GLU A 88 -5.11 11.55 2.50
N VAL A 89 -5.18 10.51 3.33
CA VAL A 89 -4.12 9.50 3.35
C VAL A 89 -3.98 8.83 1.98
N CYS A 90 -5.09 8.41 1.40
CA CYS A 90 -5.09 7.77 0.09
C CYS A 90 -4.61 8.72 -1.01
N ASN A 91 -5.07 9.97 -0.99
CA ASN A 91 -4.56 10.97 -1.94
C ASN A 91 -3.04 11.08 -1.96
N TYR A 92 -2.44 11.22 -0.77
CA TYR A 92 -0.99 11.35 -0.65
C TYR A 92 -0.24 10.08 -1.03
N PHE A 93 -0.84 8.92 -0.77
CA PHE A 93 -0.25 7.63 -1.12
C PHE A 93 -0.26 7.38 -2.62
N TRP A 94 -1.32 7.83 -3.29
CA TRP A 94 -1.53 7.62 -4.72
C TRP A 94 -0.86 8.66 -5.61
N ASN A 95 -0.93 9.93 -5.19
CA ASN A 95 -0.49 11.06 -6.01
C ASN A 95 1.01 11.04 -6.30
N VAL A 96 1.38 10.77 -7.55
CA VAL A 96 2.79 10.74 -7.97
C VAL A 96 3.49 12.10 -7.88
N ASP A 97 2.70 13.17 -7.93
CA ASP A 97 3.23 14.54 -7.84
C ASP A 97 3.99 14.77 -6.54
N VAL A 98 3.65 14.01 -5.49
CA VAL A 98 4.29 14.16 -4.17
C VAL A 98 5.11 12.95 -3.71
N ARG A 99 5.32 12.00 -4.62
CA ARG A 99 6.00 10.74 -4.29
C ARG A 99 7.39 10.95 -3.66
N ASN A 100 8.17 11.84 -4.27
CA ASN A 100 9.55 12.10 -3.81
C ASN A 100 9.65 12.68 -2.40
N ASP A 101 8.57 13.34 -1.95
CA ASP A 101 8.55 14.00 -0.64
C ASP A 101 8.50 13.03 0.55
N TRP A 102 8.07 11.79 0.31
CA TRP A 102 7.99 10.81 1.39
C TRP A 102 8.69 9.48 1.10
N GLU A 103 8.80 9.12 -0.18
CA GLU A 103 9.32 7.82 -0.60
C GLU A 103 10.85 7.71 -0.40
N THR A 104 11.28 6.58 0.13
CA THR A 104 12.69 6.37 0.49
C THR A 104 13.41 5.26 -0.30
N THR A 105 12.65 4.30 -0.82
CA THR A 105 13.23 3.10 -1.45
C THR A 105 13.36 3.13 -2.98
N ILE A 106 12.98 4.25 -3.61
CA ILE A 106 12.88 4.31 -5.07
C ILE A 106 14.04 5.08 -5.74
N GLU A 107 14.64 4.47 -6.76
CA GLU A 107 15.69 5.10 -7.56
C GLU A 107 15.06 6.04 -8.60
N ASN A 108 14.31 5.46 -9.53
CA ASN A 108 13.58 6.21 -10.56
C ASN A 108 12.18 5.65 -10.70
N PHE A 109 11.27 6.47 -11.20
CA PHE A 109 9.92 6.03 -11.58
C PHE A 109 9.32 6.96 -12.63
N HIS A 110 8.41 6.42 -13.44
CA HIS A 110 7.62 7.25 -14.34
C HIS A 110 6.25 6.64 -14.61
N VAL A 111 5.30 7.51 -14.96
CA VAL A 111 3.97 7.10 -15.34
C VAL A 111 3.99 6.67 -16.81
N VAL A 112 3.83 5.37 -17.03
CA VAL A 112 3.82 4.76 -18.36
C VAL A 112 2.58 5.14 -19.16
N GLU A 113 1.43 5.18 -18.48
CA GLU A 113 0.15 5.44 -19.12
C GLU A 113 -0.84 5.96 -18.10
N THR A 114 -1.67 6.89 -18.53
CA THR A 114 -2.80 7.34 -17.73
C THR A 114 -4.05 6.64 -18.27
N LEU A 115 -4.66 5.82 -17.43
CA LEU A 115 -5.85 5.06 -17.83
C LEU A 115 -7.11 5.87 -17.59
N ALA A 116 -7.15 6.59 -16.47
CA ALA A 116 -8.30 7.41 -16.08
C ALA A 116 -7.83 8.46 -15.08
N ASP A 117 -8.74 9.31 -14.61
CA ASP A 117 -8.40 10.32 -13.61
C ASP A 117 -7.83 9.69 -12.33
N ASN A 118 -8.31 8.47 -12.02
CA ASN A 118 -7.98 7.78 -10.78
C ASN A 118 -7.12 6.53 -10.98
N ALA A 119 -6.62 6.30 -12.20
CA ALA A 119 -5.88 5.07 -12.51
C ALA A 119 -4.73 5.31 -13.48
N ILE A 120 -3.53 4.88 -13.07
CA ILE A 120 -2.31 5.04 -13.85
C ILE A 120 -1.47 3.77 -13.82
N ILE A 121 -0.53 3.64 -14.76
CA ILE A 121 0.45 2.56 -14.73
C ILE A 121 1.84 3.15 -14.51
N ILE A 122 2.52 2.62 -13.50
CA ILE A 122 3.81 3.14 -13.09
C ILE A 122 4.89 2.10 -13.33
N TYR A 123 5.99 2.52 -13.94
CA TYR A 123 7.23 1.74 -13.93
C TYR A 123 8.12 2.40 -12.89
N GLN A 124 8.78 1.57 -12.07
CA GLN A 124 9.76 2.09 -11.11
C GLN A 124 10.86 1.09 -10.82
N THR A 125 12.04 1.63 -10.52
CA THR A 125 13.19 0.86 -10.09
C THR A 125 13.46 1.19 -8.63
N HIS A 126 13.88 0.19 -7.87
CA HIS A 126 14.17 0.38 -6.47
C HIS A 126 15.66 0.52 -6.18
N LYS A 127 15.97 1.28 -5.14
CA LYS A 127 17.32 1.37 -4.60
C LYS A 127 17.80 -0.03 -4.20
N ARG A 128 19.07 -0.29 -4.47
CA ARG A 128 19.65 -1.62 -4.26
C ARG A 128 19.68 -2.01 -2.77
N VAL A 129 19.06 -3.15 -2.47
CA VAL A 129 19.03 -3.70 -1.12
C VAL A 129 19.66 -5.10 -1.12
N SER A 133 20.78 -7.79 -6.58
CA SER A 133 20.53 -7.09 -7.84
C SER A 133 19.35 -6.13 -7.69
N GLN A 134 19.26 -5.18 -8.62
CA GLN A 134 18.19 -4.22 -8.61
C GLN A 134 16.84 -4.85 -8.96
N ARG A 135 15.79 -4.40 -8.28
CA ARG A 135 14.44 -4.81 -8.59
C ARG A 135 13.75 -3.71 -9.37
N ASP A 136 12.96 -4.08 -10.37
CA ASP A 136 11.98 -3.14 -10.92
C ASP A 136 10.56 -3.66 -10.78
N VAL A 137 9.59 -2.77 -10.95
CA VAL A 137 8.20 -3.15 -10.82
C VAL A 137 7.36 -2.33 -11.81
N LEU A 138 6.33 -2.96 -12.34
CA LEU A 138 5.44 -2.33 -13.28
C LEU A 138 4.03 -2.63 -12.81
N TYR A 139 3.31 -1.60 -12.37
CA TYR A 139 2.06 -1.82 -11.67
C TYR A 139 0.99 -0.79 -12.00
N LEU A 140 -0.26 -1.25 -11.97
CA LEU A 140 -1.41 -0.35 -12.04
C LEU A 140 -1.67 0.20 -10.65
N SER A 141 -1.83 1.52 -10.56
CA SER A 141 -2.12 2.17 -9.29
C SER A 141 -3.45 2.90 -9.42
N VAL A 142 -4.43 2.49 -8.61
CA VAL A 142 -5.77 3.06 -8.69
C VAL A 142 -6.27 3.52 -7.33
N ILE A 143 -6.92 4.68 -7.30
CA ILE A 143 -7.54 5.19 -6.10
C ILE A 143 -9.07 5.20 -6.24
N ARG A 144 -9.77 4.59 -5.27
CA ARG A 144 -11.22 4.48 -5.32
C ARG A 144 -11.88 4.77 -3.98
N LYS A 145 -13.06 5.38 -4.04
CA LYS A 145 -13.91 5.51 -2.86
C LYS A 145 -14.99 4.43 -2.92
N ILE A 146 -15.07 3.65 -1.85
CA ILE A 146 -16.06 2.59 -1.72
C ILE A 146 -17.21 3.13 -0.85
N PRO A 147 -18.39 3.34 -1.46
CA PRO A 147 -19.57 3.83 -0.74
C PRO A 147 -19.94 2.96 0.46
N ALA A 148 -20.40 3.60 1.52
CA ALA A 148 -20.99 2.89 2.65
C ALA A 148 -22.39 2.39 2.26
N LEU A 149 -22.78 1.21 2.74
CA LEU A 149 -24.12 0.69 2.42
C LEU A 149 -25.24 1.46 3.14
N THR A 150 -24.91 2.05 4.29
CA THR A 150 -25.81 2.96 5.02
C THR A 150 -25.01 4.13 5.59
N GLU A 151 -25.71 5.17 6.05
CA GLU A 151 -25.06 6.32 6.67
C GLU A 151 -24.61 6.05 8.11
N ASN A 152 -24.91 4.84 8.59
CA ASN A 152 -24.44 4.34 9.88
C ASN A 152 -23.07 3.66 9.76
N ASP A 153 -22.60 3.52 8.52
CA ASP A 153 -21.34 2.83 8.22
C ASP A 153 -20.28 3.79 7.71
N PRO A 154 -18.99 3.43 7.86
CA PRO A 154 -17.98 4.34 7.31
C PRO A 154 -17.79 4.15 5.81
N GLU A 155 -17.40 5.21 5.11
CA GLU A 155 -16.97 5.08 3.71
C GLU A 155 -15.53 4.61 3.72
N THR A 156 -15.11 3.93 2.65
CA THR A 156 -13.74 3.44 2.58
C THR A 156 -13.02 4.04 1.36
N TRP A 157 -11.83 4.56 1.60
CA TRP A 157 -10.91 4.94 0.53
C TRP A 157 -9.85 3.85 0.41
N ILE A 158 -9.57 3.45 -0.82
CA ILE A 158 -8.56 2.41 -1.11
C ILE A 158 -7.63 2.81 -2.26
N VAL A 159 -6.34 2.55 -2.09
CA VAL A 159 -5.40 2.59 -3.20
C VAL A 159 -4.92 1.16 -3.40
N CYS A 160 -5.10 0.65 -4.62
CA CYS A 160 -4.62 -0.69 -4.96
C CYS A 160 -3.52 -0.56 -6.00
N ASN A 161 -2.36 -1.12 -5.67
CA ASN A 161 -1.21 -1.19 -6.57
C ASN A 161 -0.93 -2.65 -6.90
N PHE A 162 -1.10 -3.02 -8.17
CA PHE A 162 -0.91 -4.41 -8.59
C PHE A 162 -0.19 -4.55 -9.93
N SER A 163 0.72 -5.51 -10.00
CA SER A 163 1.52 -5.73 -11.20
C SER A 163 0.66 -6.00 -12.44
N VAL A 164 0.99 -5.33 -13.54
CA VAL A 164 0.38 -5.57 -14.84
C VAL A 164 1.50 -5.62 -15.88
N ASP A 165 1.17 -6.10 -17.08
CA ASP A 165 2.08 -6.05 -18.22
C ASP A 165 1.83 -4.80 -19.07
N HIS A 166 2.89 -4.28 -19.68
CA HIS A 166 2.78 -3.19 -20.64
C HIS A 166 3.85 -3.32 -21.71
N ASP A 167 3.43 -3.21 -22.97
CA ASP A 167 4.32 -3.37 -24.13
C ASP A 167 5.50 -2.39 -24.13
N SER A 168 5.31 -1.22 -23.54
CA SER A 168 6.36 -0.20 -23.46
C SER A 168 7.34 -0.43 -22.32
N ALA A 169 7.03 -1.38 -21.43
CA ALA A 169 7.94 -1.76 -20.36
C ALA A 169 8.11 -3.29 -20.32
N PRO A 170 8.93 -3.84 -21.25
CA PRO A 170 9.18 -5.27 -21.21
C PRO A 170 10.23 -5.60 -20.14
N LEU A 171 10.44 -6.89 -19.88
CA LEU A 171 11.51 -7.31 -18.98
C LEU A 171 12.85 -6.85 -19.54
N ASN A 172 13.72 -6.35 -18.66
CA ASN A 172 15.06 -5.96 -19.06
C ASN A 172 16.11 -6.82 -18.37
N ASN A 173 17.37 -6.69 -18.80
CA ASN A 173 18.46 -7.52 -18.28
C ASN A 173 19.12 -6.98 -17.02
N ARG A 174 18.99 -5.66 -16.80
CA ARG A 174 19.61 -5.00 -15.64
C ARG A 174 18.82 -5.16 -14.34
N CYS A 175 17.50 -5.29 -14.45
CA CYS A 175 16.65 -5.39 -13.27
C CYS A 175 15.91 -6.72 -13.14
N VAL A 176 15.61 -7.06 -11.90
CA VAL A 176 14.76 -8.21 -11.58
C VAL A 176 13.33 -7.72 -11.37
N ARG A 177 12.38 -8.27 -12.12
CA ARG A 177 10.99 -7.81 -12.09
C ARG A 177 10.19 -8.42 -10.93
N ALA A 178 9.92 -7.60 -9.92
CA ALA A 178 9.06 -8.00 -8.79
C ALA A 178 7.59 -8.00 -9.21
N LYS A 179 6.79 -8.82 -8.52
CA LYS A 179 5.34 -8.86 -8.74
C LYS A 179 4.59 -8.54 -7.44
N ILE A 180 3.76 -7.49 -7.48
CA ILE A 180 3.14 -6.95 -6.26
C ILE A 180 1.62 -6.94 -6.29
N ASN A 181 1.03 -7.05 -5.10
CA ASN A 181 -0.39 -6.76 -4.87
C ASN A 181 -0.39 -6.06 -3.52
N VAL A 182 -0.55 -4.74 -3.56
CA VAL A 182 -0.44 -3.88 -2.38
C VAL A 182 -1.72 -3.05 -2.27
N ALA A 183 -2.23 -2.89 -1.04
CA ALA A 183 -3.38 -2.01 -0.80
C ALA A 183 -3.22 -1.18 0.47
N MET A 184 -3.65 0.08 0.37
CA MET A 184 -3.74 1.00 1.51
C MET A 184 -5.24 1.27 1.66
N ILE A 185 -5.83 0.80 2.76
CA ILE A 185 -7.27 0.86 2.96
C ILE A 185 -7.60 1.71 4.18
N CYS A 186 -8.37 2.79 3.98
CA CYS A 186 -8.60 3.76 5.05
C CYS A 186 -10.06 4.09 5.27
N GLN A 187 -10.45 4.15 6.55
CA GLN A 187 -11.79 4.60 6.95
C GLN A 187 -11.63 5.71 7.98
N THR A 188 -12.57 6.65 7.98
CA THR A 188 -12.46 7.81 8.85
C THR A 188 -13.56 7.75 9.91
N LEU A 189 -13.15 7.95 11.15
CA LEU A 189 -14.07 8.00 12.28
C LEU A 189 -14.18 9.46 12.70
N VAL A 190 -15.41 9.98 12.68
CA VAL A 190 -15.67 11.37 13.04
C VAL A 190 -16.59 11.43 14.28
N SER A 191 -16.13 12.13 15.31
CA SER A 191 -16.90 12.35 16.53
C SER A 191 -17.43 13.78 16.58
N ILE A 199 -16.39 21.21 13.88
CA ILE A 199 -15.59 20.01 13.61
C ILE A 199 -14.17 20.36 13.18
N SER A 200 -13.19 19.89 13.94
CA SER A 200 -11.77 20.16 13.66
C SER A 200 -10.98 18.86 13.49
N ARG A 201 -9.66 18.99 13.35
CA ARG A 201 -8.74 17.86 13.19
C ARG A 201 -8.66 17.03 14.48
N ASP A 202 -9.01 17.66 15.59
CA ASP A 202 -9.02 17.01 16.90
C ASP A 202 -10.05 15.91 17.01
N ASN A 203 -11.04 15.95 16.13
CA ASN A 203 -12.21 15.09 16.22
C ASN A 203 -12.25 13.99 15.17
N ILE A 204 -11.16 13.84 14.41
CA ILE A 204 -11.12 12.82 13.35
C ILE A 204 -9.97 11.82 13.56
N LEU A 205 -10.23 10.56 13.22
CA LEU A 205 -9.22 9.50 13.29
C LEU A 205 -9.29 8.61 12.03
N CYS A 206 -8.14 8.37 11.42
CA CYS A 206 -8.09 7.52 10.23
C CYS A 206 -7.57 6.15 10.62
N LYS A 207 -8.40 5.14 10.41
CA LYS A 207 -8.06 3.74 10.68
C LYS A 207 -7.51 3.15 9.38
N ILE A 208 -6.27 2.67 9.44
CA ILE A 208 -5.57 2.22 8.25
C ILE A 208 -5.33 0.71 8.28
N THR A 209 -5.58 0.05 7.16
CA THR A 209 -5.10 -1.30 6.91
C THR A 209 -4.21 -1.30 5.67
N TYR A 210 -2.98 -1.75 5.82
CA TYR A 210 -2.06 -1.83 4.71
C TYR A 210 -1.74 -3.30 4.47
N VAL A 211 -1.88 -3.75 3.24
CA VAL A 211 -1.52 -5.13 2.91
C VAL A 211 -0.50 -5.16 1.77
N ALA A 212 0.49 -6.03 1.88
CA ALA A 212 1.49 -6.22 0.83
C ALA A 212 1.73 -7.71 0.57
N ASN A 213 1.54 -8.12 -0.68
CA ASN A 213 1.87 -9.47 -1.12
C ASN A 213 2.85 -9.30 -2.26
N VAL A 214 4.12 -9.49 -1.93
CA VAL A 214 5.21 -9.17 -2.85
C VAL A 214 6.04 -10.40 -3.16
N ASN A 215 6.29 -10.59 -4.44
CA ASN A 215 7.21 -11.60 -4.89
C ASN A 215 8.30 -10.94 -5.72
N PRO A 216 9.53 -10.85 -5.18
CA PRO A 216 10.66 -10.53 -6.07
C PRO A 216 10.91 -11.69 -7.02
N GLY A 217 11.76 -11.48 -8.03
CA GLY A 217 12.09 -12.53 -8.99
C GLY A 217 13.43 -13.18 -8.68
N GLY A 218 13.45 -14.50 -8.63
CA GLY A 218 14.70 -15.20 -8.34
C GLY A 218 14.94 -15.38 -6.85
N TRP A 219 16.16 -15.11 -6.41
CA TRP A 219 16.64 -15.70 -5.16
C TRP A 219 17.38 -14.78 -4.20
N ALA A 220 17.08 -14.95 -2.91
CA ALA A 220 17.82 -14.35 -1.80
C ALA A 220 17.60 -15.20 -0.55
N PRO A 221 18.52 -15.15 0.43
CA PRO A 221 18.29 -15.97 1.63
C PRO A 221 17.02 -15.54 2.36
N ALA A 222 16.21 -16.52 2.77
CA ALA A 222 14.96 -16.28 3.49
C ALA A 222 15.17 -15.39 4.71
N SER A 223 16.16 -15.74 5.53
CA SER A 223 16.53 -14.96 6.72
C SER A 223 16.70 -13.47 6.41
N VAL A 224 17.41 -13.18 5.33
CA VAL A 224 17.71 -11.82 4.89
C VAL A 224 16.45 -11.09 4.37
N LEU A 225 15.66 -11.76 3.54
CA LEU A 225 14.43 -11.18 2.99
C LEU A 225 13.43 -10.83 4.09
N ARG A 226 13.38 -11.67 5.12
CA ARG A 226 12.50 -11.47 6.26
C ARG A 226 12.98 -10.35 7.19
N ALA A 227 14.29 -10.24 7.35
CA ALA A 227 14.91 -9.16 8.14
C ALA A 227 14.70 -7.80 7.48
N VAL A 228 14.86 -7.74 6.15
CA VAL A 228 14.67 -6.50 5.40
C VAL A 228 13.19 -6.04 5.45
N ALA A 229 12.27 -6.97 5.23
CA ALA A 229 10.82 -6.68 5.31
C ALA A 229 10.41 -6.14 6.69
N LYS A 230 10.89 -6.76 7.76
CA LYS A 230 10.63 -6.32 9.13
C LYS A 230 11.09 -4.88 9.38
N ARG A 231 12.14 -4.47 8.67
CA ARG A 231 12.69 -3.12 8.80
C ARG A 231 11.93 -2.11 7.94
N GLU A 232 11.84 -2.39 6.65
CA GLU A 232 11.38 -1.41 5.65
C GLU A 232 9.90 -1.08 5.71
N TYR A 233 9.04 -2.07 5.96
CA TYR A 233 7.60 -1.80 6.04
C TYR A 233 7.18 -0.86 7.19
N PRO A 234 7.58 -1.17 8.44
CA PRO A 234 7.24 -0.23 9.53
C PRO A 234 7.87 1.15 9.36
N LYS A 235 9.09 1.20 8.85
CA LYS A 235 9.79 2.47 8.56
C LYS A 235 9.02 3.31 7.55
N PHE A 236 8.62 2.69 6.43
CA PHE A 236 7.79 3.32 5.42
C PHE A 236 6.50 3.88 6.03
N LEU A 237 5.76 3.04 6.75
CA LEU A 237 4.44 3.39 7.28
C LEU A 237 4.49 4.52 8.28
N LYS A 238 5.50 4.47 9.16
CA LYS A 238 5.74 5.51 10.17
C LYS A 238 6.02 6.85 9.51
N ARG A 239 6.93 6.85 8.54
CA ARG A 239 7.30 8.04 7.80
C ARG A 239 6.16 8.61 6.96
N PHE A 240 5.45 7.73 6.24
CA PHE A 240 4.35 8.16 5.38
C PHE A 240 3.18 8.76 6.16
N THR A 241 2.76 8.10 7.25
CA THR A 241 1.68 8.63 8.07
C THR A 241 2.06 9.94 8.78
N SER A 242 3.31 10.07 9.19
CA SER A 242 3.82 11.33 9.78
C SER A 242 3.78 12.44 8.75
N TYR A 243 4.16 12.12 7.53
CA TYR A 243 4.16 13.06 6.40
C TYR A 243 2.76 13.61 6.13
N VAL A 244 1.76 12.72 6.10
CA VAL A 244 0.37 13.14 5.93
C VAL A 244 -0.09 14.08 7.04
N GLN A 245 0.27 13.76 8.27
CA GLN A 245 -0.04 14.61 9.42
C GLN A 245 0.57 16.00 9.26
N GLU A 246 1.83 16.04 8.89
CA GLU A 246 2.58 17.29 8.72
C GLU A 246 1.99 18.14 7.60
N LYS A 247 1.62 17.49 6.51
CA LYS A 247 1.14 18.16 5.31
C LYS A 247 -0.30 18.67 5.43
N THR A 248 -1.08 18.09 6.35
CA THR A 248 -2.49 18.46 6.50
C THR A 248 -2.76 19.38 7.70
N ALA A 249 -1.84 19.44 8.65
CA ALA A 249 -2.03 20.22 9.86
C ALA A 249 -2.36 21.67 9.55
N GLY A 250 -3.43 22.17 10.15
CA GLY A 250 -3.83 23.57 9.99
C GLY A 250 -4.70 23.81 8.77
N LYS A 251 -4.85 22.79 7.92
CA LYS A 251 -5.61 22.91 6.68
C LYS A 251 -7.06 22.50 6.86
N PRO A 252 -7.98 23.05 6.04
CA PRO A 252 -9.36 22.56 5.98
C PRO A 252 -9.39 21.05 5.68
N ILE A 253 -10.32 20.34 6.30
CA ILE A 253 -10.35 18.89 6.22
C ILE A 253 -10.97 18.41 4.92
N LEU A 254 -10.21 17.59 4.18
CA LEU A 254 -10.72 16.92 2.99
C LEU A 254 -11.31 15.56 3.35
N PHE A 255 -12.63 15.52 3.52
CA PHE A 255 -13.33 14.28 3.84
C PHE A 255 -13.46 13.38 2.60
#